data_6NP3
#
_entry.id   6NP3
#
_cell.length_a   87.196
_cell.length_b   86.302
_cell.length_c   50.140
_cell.angle_alpha   90.000
_cell.angle_beta   119.860
_cell.angle_gamma   90.000
#
_symmetry.space_group_name_H-M   'C 1 2 1'
#
loop_
_entity.id
_entity.type
_entity.pdbx_description
1 polymer 'Aminoglycoside N(3)-acetyltransferase'
2 non-polymer '(2R,3R,4R,5R)-2-((1S,2S,3R,4S,6R)-4,6-DIAMINO-3-((2R,3R,6S)-3-AMINO-6-(AMINOMETHYL)-TETRAHYDRO-2H-PYRAN-2-YLOXY)-2-HYDR OXYCYCLOHEXYLOXY)-5-METHYL-4-(METHYLAMINO)-TETRAHYDRO-2H-PYRAN-3,5-DIOL'
3 non-polymer 'MAGNESIUM ION'
4 water water
#
_entity_poly.entity_id   1
_entity_poly.type   'polypeptide(L)'
_entity_poly.pdbx_seq_one_letter_code
;TPWSKSELVRQLRDLGVRSGDMVMPHVSLRAVGPLADGPQTLVDALIEAVGPTGNILAFVSWRDSPYEQTLGHDAPPAAI
AQSWPAFDPDHAPAYPGFGAINEFIRTYPGCRRSAHPDASMAAIGPDAAWLVAPHEMGAAYGPRSPIARFLAHAGKILSI
GAGPDAVTALHYAEAVARIEGKRRVTYSMPLLREGKRVWVTTSDWDSNGILDEYAAPDGPDAVERIARDYLARTRVAQGP
VGGAQSRLIDAADIVSFGIEWLEARHAA
;
_entity_poly.pdbx_strand_id   A
#
loop_
_chem_comp.id
_chem_comp.type
_chem_comp.name
_chem_comp.formula
LLL non-polymer '(2R,3R,4R,5R)-2-((1S,2S,3R,4S,6R)-4,6-DIAMINO-3-((2R,3R,6S)-3-AMINO-6-(AMINOMETHYL)-TETRAHYDRO-2H-PYRAN-2-YLOXY)-2-HYDR OXYCYCLOHEXYLOXY)-5-METHYL-4-(METHYLAMINO)-TETRAHYDRO-2H-PYRAN-3,5-DIOL' 'C19 H39 N5 O7'
MG non-polymer 'MAGNESIUM ION' 'Mg 2'
#
# COMPACT_ATOMS: atom_id res chain seq x y z
N THR A 1 -9.01 -20.38 -20.51
CA THR A 1 -10.12 -19.44 -20.59
C THR A 1 -9.99 -18.35 -19.51
N PRO A 2 -10.31 -17.11 -19.86
CA PRO A 2 -10.11 -16.02 -18.89
C PRO A 2 -11.03 -16.20 -17.68
N TRP A 3 -10.53 -15.75 -16.53
CA TRP A 3 -11.28 -15.86 -15.30
C TRP A 3 -12.44 -14.89 -15.29
N SER A 4 -13.60 -15.38 -14.85
CA SER A 4 -14.78 -14.56 -14.67
C SER A 4 -14.80 -13.95 -13.28
N LYS A 5 -15.56 -12.86 -13.14
N LYS A 5 -15.54 -12.84 -13.15
CA LYS A 5 -15.74 -12.27 -11.82
CA LYS A 5 -15.73 -12.22 -11.85
C LYS A 5 -16.24 -13.29 -10.82
C LYS A 5 -16.24 -13.23 -10.83
N SER A 6 -17.28 -14.05 -11.19
N SER A 6 -17.22 -14.05 -11.23
CA SER A 6 -17.84 -15.03 -10.27
CA SER A 6 -17.82 -14.99 -10.30
C SER A 6 -16.78 -16.00 -9.76
C SER A 6 -16.79 -15.99 -9.77
N GLU A 7 -15.94 -16.50 -10.66
CA GLU A 7 -14.91 -17.45 -10.22
C GLU A 7 -13.96 -16.80 -9.22
N LEU A 8 -13.54 -15.56 -9.50
CA LEU A 8 -12.67 -14.86 -8.58
C LEU A 8 -13.33 -14.66 -7.23
N VAL A 9 -14.61 -14.28 -7.21
CA VAL A 9 -15.30 -14.07 -5.94
C VAL A 9 -15.30 -15.35 -5.11
N ARG A 10 -15.60 -16.48 -5.76
CA ARG A 10 -15.63 -17.73 -5.01
C ARG A 10 -14.24 -18.08 -4.49
N GLN A 11 -13.20 -17.83 -5.29
CA GLN A 11 -11.84 -18.05 -4.82
C GLN A 11 -11.49 -17.15 -3.64
N LEU A 12 -11.91 -15.88 -3.68
CA LEU A 12 -11.65 -14.98 -2.56
C LEU A 12 -12.37 -15.45 -1.31
N ARG A 13 -13.60 -15.95 -1.45
N ARG A 13 -13.60 -15.95 -1.45
CA ARG A 13 -14.31 -16.50 -0.31
CA ARG A 13 -14.31 -16.50 -0.31
C ARG A 13 -13.56 -17.71 0.24
C ARG A 13 -13.58 -17.72 0.24
N ASP A 14 -13.08 -18.58 -0.65
CA ASP A 14 -12.36 -19.76 -0.19
C ASP A 14 -11.12 -19.36 0.60
N LEU A 15 -10.47 -18.26 0.21
CA LEU A 15 -9.27 -17.81 0.89
C LEU A 15 -9.56 -17.19 2.24
N GLY A 16 -10.80 -16.77 2.46
CA GLY A 16 -11.19 -16.24 3.75
C GLY A 16 -11.64 -14.80 3.73
N VAL A 17 -11.79 -14.19 2.57
CA VAL A 17 -12.39 -12.86 2.52
C VAL A 17 -13.87 -12.98 2.82
N ARG A 18 -14.36 -12.17 3.75
CA ARG A 18 -15.74 -12.19 4.18
C ARG A 18 -16.38 -10.83 3.96
N SER A 19 -17.69 -10.85 3.76
N SER A 19 -17.70 -10.85 3.75
CA SER A 19 -18.46 -9.63 3.69
CA SER A 19 -18.46 -9.61 3.69
C SER A 19 -18.17 -8.77 4.91
C SER A 19 -18.16 -8.77 4.91
N GLY A 20 -17.91 -7.49 4.68
CA GLY A 20 -17.57 -6.57 5.73
C GLY A 20 -16.10 -6.38 5.97
N ASP A 21 -15.24 -7.18 5.35
CA ASP A 21 -13.82 -7.08 5.62
C ASP A 21 -13.24 -5.77 5.09
N MET A 22 -12.09 -5.43 5.67
CA MET A 22 -11.23 -4.30 5.31
C MET A 22 -9.98 -4.93 4.70
N VAL A 23 -9.81 -4.79 3.37
N VAL A 23 -9.83 -4.82 3.38
CA VAL A 23 -8.77 -5.51 2.64
CA VAL A 23 -8.72 -5.49 2.71
C VAL A 23 -7.85 -4.54 1.91
C VAL A 23 -7.82 -4.46 2.04
N MET A 24 -6.53 -4.78 2.01
CA MET A 24 -5.52 -4.05 1.27
C MET A 24 -4.87 -5.04 0.30
N PRO A 25 -5.10 -4.90 -0.99
CA PRO A 25 -4.52 -5.85 -1.95
C PRO A 25 -3.17 -5.41 -2.47
N HIS A 26 -2.37 -6.43 -2.79
CA HIS A 26 -1.11 -6.29 -3.50
C HIS A 26 -1.18 -7.34 -4.59
N VAL A 27 -1.13 -6.93 -5.85
CA VAL A 27 -1.49 -7.83 -6.95
C VAL A 27 -0.40 -7.86 -8.02
N SER A 28 -0.04 -9.08 -8.45
CA SER A 28 0.68 -9.29 -9.70
C SER A 28 -0.31 -9.76 -10.76
N LEU A 29 -0.67 -8.87 -11.69
CA LEU A 29 -1.64 -9.26 -12.71
C LEU A 29 -1.10 -10.33 -13.65
N ARG A 30 0.22 -10.36 -13.86
CA ARG A 30 0.82 -11.42 -14.68
C ARG A 30 0.58 -12.79 -14.05
N ALA A 31 0.65 -12.88 -12.72
CA ALA A 31 0.41 -14.15 -12.05
C ALA A 31 -1.06 -14.53 -12.09
N VAL A 32 -1.96 -13.54 -12.05
CA VAL A 32 -3.39 -13.81 -12.08
C VAL A 32 -3.80 -14.45 -13.40
N GLY A 33 -3.27 -13.93 -14.51
CA GLY A 33 -3.62 -14.44 -15.82
C GLY A 33 -4.80 -13.72 -16.43
N PRO A 34 -5.18 -14.13 -17.63
CA PRO A 34 -6.25 -13.43 -18.36
C PRO A 34 -7.53 -13.34 -17.57
N LEU A 35 -8.14 -12.17 -17.63
CA LEU A 35 -9.39 -11.87 -16.96
C LEU A 35 -10.45 -11.50 -18.00
N ALA A 36 -11.69 -11.89 -17.70
CA ALA A 36 -12.78 -11.73 -18.65
C ALA A 36 -12.83 -10.32 -19.24
N ASP A 37 -12.70 -9.30 -18.40
CA ASP A 37 -12.75 -7.91 -18.84
C ASP A 37 -11.54 -7.13 -18.37
N GLY A 38 -10.40 -7.79 -18.34
CA GLY A 38 -9.19 -7.17 -17.91
C GLY A 38 -9.14 -6.94 -16.42
N PRO A 39 -8.22 -6.09 -15.96
CA PRO A 39 -8.07 -5.88 -14.50
C PRO A 39 -9.32 -5.46 -13.79
N GLN A 40 -10.24 -4.77 -14.47
CA GLN A 40 -11.48 -4.37 -13.82
C GLN A 40 -12.23 -5.59 -13.27
N THR A 41 -12.09 -6.75 -13.92
CA THR A 41 -12.75 -7.96 -13.43
C THR A 41 -12.34 -8.27 -12.00
N LEU A 42 -11.05 -8.14 -11.69
CA LEU A 42 -10.58 -8.39 -10.35
C LEU A 42 -10.97 -7.28 -9.38
N VAL A 43 -10.93 -6.01 -9.82
CA VAL A 43 -11.44 -4.95 -8.97
C VAL A 43 -12.91 -5.22 -8.60
N ASP A 44 -13.74 -5.55 -9.59
CA ASP A 44 -15.15 -5.85 -9.32
C ASP A 44 -15.28 -7.02 -8.38
N ALA A 45 -14.46 -8.04 -8.55
CA ALA A 45 -14.54 -9.21 -7.68
C ALA A 45 -14.17 -8.85 -6.25
N LEU A 46 -13.13 -8.02 -6.05
CA LEU A 46 -12.74 -7.60 -4.71
C LEU A 46 -13.88 -6.83 -4.03
N ILE A 47 -14.49 -5.91 -4.76
CA ILE A 47 -15.59 -5.11 -4.22
C ILE A 47 -16.75 -6.01 -3.86
N GLU A 48 -17.07 -6.98 -4.71
CA GLU A 48 -18.17 -7.88 -4.40
C GLU A 48 -17.84 -8.76 -3.20
N ALA A 49 -16.58 -9.22 -3.09
CA ALA A 49 -16.21 -10.08 -1.98
C ALA A 49 -16.31 -9.37 -0.63
N VAL A 50 -15.89 -8.11 -0.54
CA VAL A 50 -16.00 -7.39 0.73
C VAL A 50 -17.41 -6.87 0.97
N GLY A 51 -18.24 -6.81 -0.06
CA GLY A 51 -19.63 -6.45 0.09
C GLY A 51 -19.85 -4.98 0.35
N PRO A 52 -21.12 -4.58 0.41
CA PRO A 52 -21.44 -3.17 0.60
C PRO A 52 -21.06 -2.58 1.95
N THR A 53 -20.71 -3.39 2.95
CA THR A 53 -20.16 -2.83 4.19
C THR A 53 -18.65 -2.97 4.27
N GLY A 54 -18.02 -3.65 3.32
CA GLY A 54 -16.59 -3.80 3.36
C GLY A 54 -15.84 -2.61 2.78
N ASN A 55 -14.52 -2.67 2.88
CA ASN A 55 -13.68 -1.58 2.41
C ASN A 55 -12.43 -2.17 1.74
N ILE A 56 -11.93 -1.42 0.77
CA ILE A 56 -10.65 -1.70 0.10
C ILE A 56 -9.76 -0.48 0.28
N LEU A 57 -8.50 -0.71 0.65
CA LEU A 57 -7.48 0.34 0.72
C LEU A 57 -6.31 -0.10 -0.13
N ALA A 58 -5.82 0.79 -0.99
CA ALA A 58 -4.69 0.45 -1.83
C ALA A 58 -3.65 1.54 -1.79
N PHE A 59 -2.38 1.15 -1.78
CA PHE A 59 -1.28 2.10 -1.90
C PHE A 59 -1.04 2.38 -3.38
N VAL A 60 -1.51 3.54 -3.85
CA VAL A 60 -1.49 3.81 -5.28
C VAL A 60 -0.40 4.80 -5.70
N SER A 61 0.04 5.66 -4.78
CA SER A 61 1.07 6.67 -5.07
C SER A 61 0.63 7.50 -6.29
N TRP A 62 1.62 7.94 -7.08
CA TRP A 62 1.41 8.92 -8.14
C TRP A 62 2.47 8.66 -9.21
N ARG A 63 2.01 8.48 -10.45
CA ARG A 63 2.89 8.29 -11.59
C ARG A 63 3.98 9.35 -11.66
N ASP A 64 3.65 10.58 -11.35
CA ASP A 64 4.54 11.72 -11.55
C ASP A 64 5.05 12.29 -10.23
N SER A 65 5.16 11.47 -9.20
CA SER A 65 5.71 11.97 -7.97
C SER A 65 7.17 12.40 -8.19
N PRO A 66 7.54 13.62 -7.82
CA PRO A 66 8.92 14.10 -7.99
C PRO A 66 9.84 13.68 -6.84
N TYR A 67 9.75 12.41 -6.44
CA TYR A 67 10.52 11.91 -5.32
C TYR A 67 12.02 11.95 -5.61
N GLU A 68 12.46 11.22 -6.63
CA GLU A 68 13.88 11.20 -6.94
C GLU A 68 14.39 12.60 -7.27
N GLN A 69 13.57 13.40 -7.93
CA GLN A 69 14.00 14.72 -8.40
C GLN A 69 14.19 15.71 -7.28
N THR A 70 13.56 15.48 -6.11
CA THR A 70 13.69 16.39 -4.99
C THR A 70 14.43 15.76 -3.81
N LEU A 71 14.75 14.47 -3.89
CA LEU A 71 15.31 13.75 -2.75
C LEU A 71 16.63 14.36 -2.34
N GLY A 72 16.78 14.62 -1.04
CA GLY A 72 18.03 15.12 -0.51
C GLY A 72 18.22 16.62 -0.60
N HIS A 73 17.30 17.34 -1.21
CA HIS A 73 17.40 18.79 -1.33
C HIS A 73 16.57 19.47 -0.26
N ASP A 74 17.03 20.63 0.22
CA ASP A 74 16.23 21.37 1.18
C ASP A 74 15.08 22.13 0.54
N ALA A 75 15.02 22.14 -0.79
CA ALA A 75 13.95 22.78 -1.54
C ALA A 75 13.93 22.15 -2.91
N PRO A 76 12.80 22.14 -3.60
CA PRO A 76 12.78 21.60 -4.95
C PRO A 76 13.73 22.38 -5.84
N PRO A 77 14.52 21.68 -6.67
CA PRO A 77 15.39 22.40 -7.62
C PRO A 77 14.57 23.31 -8.51
N ALA A 78 15.20 24.42 -8.93
CA ALA A 78 14.46 25.52 -9.56
C ALA A 78 13.61 25.06 -10.74
N ALA A 79 14.17 24.23 -11.61
CA ALA A 79 13.45 23.81 -12.81
C ALA A 79 12.28 22.90 -12.47
N ILE A 80 12.44 22.06 -11.45
CA ILE A 80 11.34 21.24 -10.95
C ILE A 80 10.27 22.13 -10.34
N ALA A 81 10.68 23.07 -9.50
CA ALA A 81 9.75 23.93 -8.79
C ALA A 81 8.87 24.69 -9.76
N GLN A 82 9.46 25.14 -10.88
CA GLN A 82 8.71 26.01 -11.78
C GLN A 82 7.61 25.25 -12.50
N SER A 83 7.90 24.04 -12.99
CA SER A 83 6.99 23.42 -13.93
C SER A 83 6.29 22.16 -13.47
N TRP A 84 6.60 21.60 -12.31
CA TRP A 84 5.98 20.33 -11.94
C TRP A 84 4.48 20.54 -11.73
N PRO A 85 3.65 19.60 -12.16
CA PRO A 85 2.22 19.69 -11.86
C PRO A 85 1.96 19.50 -10.37
N ALA A 86 1.10 20.33 -9.82
CA ALA A 86 0.59 20.04 -8.48
C ALA A 86 -0.17 18.72 -8.46
N PHE A 87 -0.02 17.98 -7.35
CA PHE A 87 -0.79 16.75 -7.16
C PHE A 87 -2.26 17.07 -7.08
N ASP A 88 -3.04 16.51 -7.99
CA ASP A 88 -4.48 16.71 -8.01
C ASP A 88 -5.10 15.34 -7.77
N PRO A 89 -5.66 15.07 -6.58
CA PRO A 89 -6.08 13.69 -6.26
C PRO A 89 -7.14 13.17 -7.20
N ASP A 90 -7.94 14.05 -7.80
CA ASP A 90 -9.00 13.60 -8.69
C ASP A 90 -8.47 13.16 -10.04
N HIS A 91 -7.28 13.60 -10.44
CA HIS A 91 -6.78 13.36 -11.79
C HIS A 91 -5.42 12.69 -11.86
N ALA A 92 -4.65 12.64 -10.79
CA ALA A 92 -3.28 12.15 -10.85
C ALA A 92 -3.27 10.63 -11.02
N PRO A 93 -2.66 10.08 -12.05
CA PRO A 93 -2.62 8.63 -12.18
C PRO A 93 -1.74 7.95 -11.14
N ALA A 94 -2.08 6.69 -10.87
CA ALA A 94 -1.33 5.86 -9.94
C ALA A 94 0.06 5.57 -10.48
N TYR A 95 0.96 5.18 -9.58
CA TYR A 95 2.33 4.85 -9.95
C TYR A 95 2.37 3.44 -10.56
N PRO A 96 2.77 3.27 -11.82
CA PRO A 96 2.63 1.93 -12.40
C PRO A 96 3.40 0.83 -11.70
N GLY A 97 4.53 1.15 -11.05
CA GLY A 97 5.38 0.13 -10.47
C GLY A 97 4.81 -0.59 -9.27
N PHE A 98 3.74 -0.10 -8.66
CA PHE A 98 3.13 -0.78 -7.53
C PHE A 98 1.98 -1.66 -7.96
N GLY A 99 1.77 -1.78 -9.26
CA GLY A 99 0.72 -2.62 -9.79
C GLY A 99 -0.22 -1.92 -10.74
N ALA A 100 -0.46 -2.47 -11.92
CA ALA A 100 -1.37 -1.85 -12.88
C ALA A 100 -2.81 -1.86 -12.39
N ILE A 101 -3.15 -2.67 -11.39
CA ILE A 101 -4.52 -2.65 -10.91
C ILE A 101 -4.84 -1.34 -10.22
N ASN A 102 -3.83 -0.63 -9.71
CA ASN A 102 -4.12 0.51 -8.85
C ASN A 102 -4.80 1.65 -9.60
N GLU A 103 -4.49 1.84 -10.88
CA GLU A 103 -5.18 2.87 -11.63
C GLU A 103 -6.66 2.55 -11.80
N PHE A 104 -6.99 1.25 -11.90
CA PHE A 104 -8.40 0.85 -11.96
C PHE A 104 -9.07 1.08 -10.61
N ILE A 105 -8.39 0.76 -9.50
CA ILE A 105 -8.97 1.03 -8.19
C ILE A 105 -9.25 2.52 -8.02
N ARG A 106 -8.24 3.35 -8.28
CA ARG A 106 -8.39 4.75 -7.92
C ARG A 106 -9.42 5.46 -8.78
N THR A 107 -9.68 5.00 -10.01
CA THR A 107 -10.71 5.59 -10.86
C THR A 107 -12.11 4.99 -10.64
N TYR A 108 -12.26 4.04 -9.73
CA TYR A 108 -13.57 3.46 -9.48
C TYR A 108 -14.51 4.53 -8.94
N PRO A 109 -15.76 4.58 -9.40
CA PRO A 109 -16.66 5.62 -8.90
C PRO A 109 -16.81 5.58 -7.39
N GLY A 110 -16.66 6.73 -6.76
CA GLY A 110 -16.75 6.84 -5.33
C GLY A 110 -15.45 6.61 -4.58
N CYS A 111 -14.39 6.16 -5.26
CA CYS A 111 -13.10 5.98 -4.60
C CYS A 111 -12.67 7.30 -4.00
N ARG A 112 -12.13 7.25 -2.78
CA ARG A 112 -11.52 8.41 -2.17
C ARG A 112 -10.01 8.28 -2.25
N ARG A 113 -9.32 9.41 -2.24
CA ARG A 113 -7.88 9.45 -2.45
C ARG A 113 -7.20 10.28 -1.38
N SER A 114 -6.09 9.78 -0.82
CA SER A 114 -5.40 10.52 0.22
CA SER A 114 -5.41 10.54 0.22
C SER A 114 -4.52 11.63 -0.39
N ALA A 115 -4.21 12.61 0.45
CA ALA A 115 -3.57 13.84 0.06
C ALA A 115 -2.05 13.79 -0.03
N HIS A 116 -1.41 12.74 0.43
CA HIS A 116 0.05 12.65 0.35
C HIS A 116 0.44 12.22 -1.05
N PRO A 117 1.13 13.08 -1.80
CA PRO A 117 1.30 12.77 -3.22
C PRO A 117 2.11 11.52 -3.49
N ASP A 118 3.17 11.29 -2.71
CA ASP A 118 4.03 10.14 -2.93
C ASP A 118 3.49 8.88 -2.28
N ALA A 119 2.91 9.00 -1.09
CA ALA A 119 2.35 7.87 -0.36
C ALA A 119 0.85 7.69 -0.60
N SER A 120 0.31 8.22 -1.68
CA SER A 120 -1.12 8.33 -1.80
C SER A 120 -1.82 6.98 -1.72
N MET A 121 -2.93 6.98 -0.99
N MET A 121 -2.90 6.97 -0.96
CA MET A 121 -3.75 5.79 -0.75
CA MET A 121 -3.75 5.81 -0.80
C MET A 121 -5.16 6.02 -1.27
C MET A 121 -5.08 6.06 -1.49
N ALA A 122 -5.72 4.97 -1.86
CA ALA A 122 -7.07 5.00 -2.42
C ALA A 122 -7.94 4.07 -1.61
N ALA A 123 -9.18 4.49 -1.33
CA ALA A 123 -10.09 3.65 -0.58
C ALA A 123 -11.48 3.66 -1.17
N ILE A 124 -12.10 2.49 -1.15
CA ILE A 124 -13.47 2.29 -1.60
C ILE A 124 -14.24 1.65 -0.45
N GLY A 125 -15.40 2.20 -0.12
CA GLY A 125 -16.30 1.62 0.85
C GLY A 125 -16.80 2.65 1.84
N PRO A 126 -17.69 2.24 2.74
CA PRO A 126 -18.32 3.22 3.62
C PRO A 126 -17.36 3.96 4.51
N ASP A 127 -16.21 3.38 4.83
CA ASP A 127 -15.24 4.02 5.72
C ASP A 127 -14.11 4.69 4.96
N ALA A 128 -14.29 4.90 3.66
CA ALA A 128 -13.20 5.40 2.82
C ALA A 128 -12.75 6.79 3.25
N ALA A 129 -13.67 7.68 3.58
CA ALA A 129 -13.22 9.02 3.96
C ALA A 129 -12.41 8.97 5.25
N TRP A 130 -12.85 8.18 6.22
CA TRP A 130 -12.12 8.04 7.47
C TRP A 130 -10.75 7.42 7.24
N LEU A 131 -10.65 6.49 6.30
CA LEU A 131 -9.36 5.88 6.00
C LEU A 131 -8.38 6.88 5.40
N VAL A 132 -8.83 7.70 4.44
CA VAL A 132 -7.84 8.41 3.64
C VAL A 132 -7.37 9.74 4.22
N ALA A 133 -8.02 10.29 5.24
CA ALA A 133 -7.63 11.59 5.78
C ALA A 133 -7.61 11.51 7.30
N PRO A 134 -6.63 12.13 7.96
CA PRO A 134 -5.55 12.92 7.35
C PRO A 134 -4.46 12.05 6.72
N HIS A 135 -3.75 12.64 5.78
CA HIS A 135 -2.55 11.99 5.26
C HIS A 135 -1.54 13.11 4.96
N GLU A 136 -0.78 13.46 5.97
CA GLU A 136 0.07 14.65 5.90
C GLU A 136 1.50 14.31 5.53
N MET A 137 2.14 15.28 4.89
CA MET A 137 3.57 15.18 4.69
C MET A 137 4.25 14.96 6.03
N GLY A 138 5.17 14.02 6.05
CA GLY A 138 5.83 13.64 7.27
C GLY A 138 5.21 12.44 7.96
N ALA A 139 4.08 11.94 7.45
CA ALA A 139 3.37 10.81 8.01
C ALA A 139 2.96 9.86 6.88
N ALA A 140 3.95 9.34 6.17
CA ALA A 140 3.65 8.57 4.98
C ALA A 140 2.97 7.24 5.30
N TYR A 141 3.63 6.41 6.14
CA TYR A 141 3.15 5.07 6.45
C TYR A 141 3.07 4.80 7.94
N GLY A 142 3.35 5.79 8.78
CA GLY A 142 3.39 5.54 10.19
C GLY A 142 2.17 6.06 10.91
N PRO A 143 2.34 6.41 12.20
CA PRO A 143 1.22 6.97 12.96
C PRO A 143 0.57 8.12 12.19
N ARG A 144 -0.76 8.14 12.27
CA ARG A 144 -1.62 9.19 11.74
C ARG A 144 -1.85 9.01 10.25
N SER A 145 -1.26 8.00 9.62
CA SER A 145 -1.48 7.75 8.20
C SER A 145 -2.66 6.82 7.98
N PRO A 146 -3.07 6.66 6.72
CA PRO A 146 -4.12 5.67 6.43
C PRO A 146 -3.74 4.26 6.83
N ILE A 147 -2.45 3.90 6.76
CA ILE A 147 -2.04 2.59 7.24
C ILE A 147 -2.32 2.45 8.72
N ALA A 148 -2.01 3.47 9.51
CA ALA A 148 -2.32 3.38 10.93
C ALA A 148 -3.79 3.06 11.16
N ARG A 149 -4.68 3.75 10.45
CA ARG A 149 -6.11 3.50 10.65
C ARG A 149 -6.53 2.12 10.14
N PHE A 150 -5.98 1.67 9.02
CA PHE A 150 -6.20 0.32 8.51
C PHE A 150 -5.86 -0.72 9.56
N LEU A 151 -4.73 -0.53 10.25
CA LEU A 151 -4.28 -1.46 11.27
C LEU A 151 -5.19 -1.44 12.47
N ALA A 152 -5.92 -0.35 12.70
CA ALA A 152 -6.90 -0.28 13.77
C ALA A 152 -8.28 -0.76 13.35
N HIS A 153 -8.45 -1.12 12.07
CA HIS A 153 -9.75 -1.41 11.47
C HIS A 153 -9.80 -2.85 10.97
N ALA A 154 -9.15 -3.74 11.70
CA ALA A 154 -9.22 -5.17 11.43
C ALA A 154 -8.68 -5.49 10.05
N GLY A 155 -7.71 -4.71 9.58
CA GLY A 155 -7.28 -4.85 8.20
C GLY A 155 -6.71 -6.23 7.91
N LYS A 156 -6.93 -6.68 6.68
CA LYS A 156 -6.34 -7.89 6.12
C LYS A 156 -5.55 -7.51 4.89
N ILE A 157 -4.36 -8.06 4.75
CA ILE A 157 -3.51 -7.83 3.59
C ILE A 157 -3.70 -9.00 2.64
N LEU A 158 -4.11 -8.70 1.41
CA LEU A 158 -4.44 -9.73 0.41
C LEU A 158 -3.37 -9.70 -0.67
N SER A 159 -2.46 -10.64 -0.60
CA SER A 159 -1.36 -10.72 -1.53
C SER A 159 -1.73 -11.73 -2.60
N ILE A 160 -1.85 -11.24 -3.84
CA ILE A 160 -2.27 -12.05 -4.96
C ILE A 160 -1.08 -12.16 -5.91
N GLY A 161 -0.30 -13.21 -5.72
CA GLY A 161 0.90 -13.44 -6.47
C GLY A 161 2.03 -12.48 -6.22
N ALA A 162 1.91 -11.60 -5.23
CA ALA A 162 2.94 -10.62 -4.92
C ALA A 162 3.95 -11.20 -3.94
N GLY A 163 5.17 -10.68 -4.00
CA GLY A 163 6.25 -11.18 -3.17
C GLY A 163 6.23 -10.57 -1.80
N PRO A 164 7.11 -11.09 -0.93
CA PRO A 164 7.16 -10.60 0.46
C PRO A 164 7.61 -9.16 0.58
N ASP A 165 8.23 -8.60 -0.45
N ASP A 165 8.26 -8.60 -0.44
CA ASP A 165 8.62 -7.20 -0.45
CA ASP A 165 8.64 -7.20 -0.42
C ASP A 165 7.42 -6.27 -0.56
C ASP A 165 7.45 -6.28 -0.55
N ALA A 166 6.25 -6.79 -0.87
N ALA A 166 6.32 -6.78 -1.06
CA ALA A 166 5.13 -5.96 -1.31
CA ALA A 166 5.14 -5.95 -1.26
C ALA A 166 4.31 -5.37 -0.17
C ALA A 166 4.16 -6.11 -0.10
N VAL A 167 4.61 -5.71 1.08
CA VAL A 167 3.70 -5.47 2.22
C VAL A 167 3.89 -4.07 2.79
N THR A 168 3.23 -3.11 2.17
CA THR A 168 3.39 -1.70 2.54
C THR A 168 3.12 -1.47 4.01
N ALA A 169 2.17 -2.20 4.58
CA ALA A 169 1.84 -1.93 5.96
C ALA A 169 3.03 -2.11 6.90
N LEU A 170 4.01 -2.94 6.53
CA LEU A 170 5.18 -3.11 7.38
C LEU A 170 6.03 -1.86 7.47
N HIS A 171 5.88 -0.88 6.58
CA HIS A 171 6.51 0.41 6.83
C HIS A 171 6.01 1.06 8.10
N TYR A 172 4.82 0.72 8.60
CA TYR A 172 4.41 1.23 9.91
C TYR A 172 5.32 0.70 11.00
N ALA A 173 5.63 -0.60 10.93
CA ALA A 173 6.54 -1.17 11.93
C ALA A 173 7.87 -0.45 11.94
N GLU A 174 8.38 -0.13 10.76
CA GLU A 174 9.65 0.57 10.67
C GLU A 174 9.56 1.94 11.31
N ALA A 175 8.43 2.64 11.08
CA ALA A 175 8.26 3.98 11.62
C ALA A 175 8.26 3.98 13.13
N VAL A 176 7.66 2.97 13.75
CA VAL A 176 7.52 3.00 15.20
C VAL A 176 8.60 2.20 15.93
N ALA A 177 9.42 1.45 15.22
CA ALA A 177 10.39 0.60 15.88
C ALA A 177 11.38 1.41 16.70
N ARG A 178 11.62 0.97 17.94
CA ARG A 178 12.50 1.66 18.87
C ARG A 178 13.92 1.13 18.68
N ILE A 179 14.53 1.53 17.58
CA ILE A 179 15.84 1.04 17.18
C ILE A 179 16.72 2.23 16.82
N GLU A 180 18.02 2.02 16.96
CA GLU A 180 18.99 3.07 16.65
C GLU A 180 19.35 3.04 15.17
N GLY A 181 19.75 4.19 14.67
CA GLY A 181 20.26 4.32 13.32
C GLY A 181 19.23 4.42 12.23
N LYS A 182 17.99 4.76 12.55
CA LYS A 182 16.95 4.78 11.52
C LYS A 182 17.22 5.86 10.49
N ARG A 183 17.13 5.48 9.23
CA ARG A 183 17.33 6.39 8.11
C ARG A 183 16.10 7.23 7.85
N ARG A 184 16.34 8.49 7.53
CA ARG A 184 15.33 9.44 7.11
C ARG A 184 15.71 10.01 5.76
N VAL A 185 14.69 10.52 5.07
CA VAL A 185 14.84 11.15 3.77
C VAL A 185 14.15 12.50 3.82
N THR A 186 14.63 13.41 2.99
CA THR A 186 13.97 14.69 2.77
C THR A 186 13.56 14.80 1.30
N TYR A 187 12.32 15.21 1.05
CA TYR A 187 11.85 15.39 -0.32
C TYR A 187 10.79 16.46 -0.31
N SER A 188 10.36 16.86 -1.51
CA SER A 188 9.40 17.92 -1.69
C SER A 188 8.30 17.48 -2.62
N MET A 189 7.07 17.84 -2.27
CA MET A 189 5.93 17.52 -3.09
C MET A 189 5.12 18.77 -3.37
N PRO A 190 4.53 18.89 -4.55
CA PRO A 190 3.67 20.03 -4.88
C PRO A 190 2.21 19.70 -4.60
N LEU A 191 1.63 20.39 -3.63
CA LEU A 191 0.25 20.13 -3.21
C LEU A 191 -0.66 21.22 -3.73
N LEU A 192 -1.96 20.95 -3.75
CA LEU A 192 -2.97 21.97 -3.99
C LEU A 192 -3.52 22.42 -2.65
N ARG A 193 -3.50 23.73 -2.42
CA ARG A 193 -4.08 24.33 -1.21
C ARG A 193 -4.91 25.53 -1.66
N GLU A 194 -6.22 25.40 -1.56
CA GLU A 194 -7.14 26.43 -2.04
C GLU A 194 -6.86 26.76 -3.51
N GLY A 195 -6.69 25.71 -4.32
CA GLY A 195 -6.55 25.86 -5.76
C GLY A 195 -5.18 26.29 -6.24
N LYS A 196 -4.23 26.52 -5.35
CA LYS A 196 -2.91 27.01 -5.70
C LYS A 196 -1.88 25.93 -5.40
N ARG A 197 -0.85 25.86 -6.25
CA ARG A 197 0.23 24.93 -6.00
C ARG A 197 1.11 25.45 -4.87
N VAL A 198 1.36 24.60 -3.89
CA VAL A 198 2.25 24.91 -2.77
C VAL A 198 3.27 23.79 -2.66
N TRP A 199 4.55 24.14 -2.72
CA TRP A 199 5.58 23.14 -2.47
C TRP A 199 5.76 22.94 -0.97
N VAL A 200 5.79 21.67 -0.57
CA VAL A 200 6.01 21.29 0.82
C VAL A 200 7.23 20.38 0.86
N THR A 201 8.23 20.79 1.65
CA THR A 201 9.41 19.98 1.91
C THR A 201 9.27 19.33 3.28
N THR A 202 9.54 18.03 3.34
CA THR A 202 9.40 17.31 4.60
C THR A 202 10.50 16.29 4.73
N SER A 203 10.69 15.78 5.94
CA SER A 203 11.45 14.56 6.14
C SER A 203 10.51 13.45 6.62
N ASP A 204 10.93 12.20 6.40
CA ASP A 204 10.17 11.05 6.88
C ASP A 204 11.13 9.88 6.93
N TRP A 205 10.66 8.77 7.48
CA TRP A 205 11.47 7.56 7.46
C TRP A 205 11.76 7.13 6.03
N ASP A 206 12.95 6.59 5.80
CA ASP A 206 13.30 6.09 4.47
C ASP A 206 12.48 4.84 4.18
N SER A 207 11.59 4.91 3.18
CA SER A 207 10.80 3.74 2.80
C SER A 207 11.55 2.79 1.88
N ASN A 208 12.80 3.10 1.55
CA ASN A 208 13.67 2.22 0.77
C ASN A 208 14.78 1.60 1.62
N GLY A 209 14.53 1.42 2.90
CA GLY A 209 15.46 0.79 3.81
C GLY A 209 15.58 1.57 5.10
N ILE A 210 15.09 1.00 6.21
CA ILE A 210 15.04 1.74 7.46
C ILE A 210 16.40 1.84 8.11
N LEU A 211 17.28 0.86 7.88
CA LEU A 211 18.67 0.92 8.31
C LEU A 211 19.55 0.72 7.09
N ASP A 212 20.82 1.13 7.22
CA ASP A 212 21.76 1.00 6.11
C ASP A 212 21.78 -0.41 5.55
N GLU A 213 21.74 -1.42 6.41
CA GLU A 213 21.87 -2.79 5.95
C GLU A 213 20.63 -3.25 5.19
N TYR A 214 19.54 -2.49 5.23
CA TYR A 214 18.31 -2.82 4.49
C TYR A 214 18.12 -1.95 3.25
N ALA A 215 19.10 -1.10 2.92
CA ALA A 215 18.93 -0.05 1.94
C ALA A 215 19.64 -0.32 0.60
N ALA A 216 20.14 -1.53 0.38
CA ALA A 216 20.69 -1.87 -0.92
C ALA A 216 19.63 -1.63 -2.00
N PRO A 217 20.00 -1.08 -3.16
CA PRO A 217 18.97 -0.76 -4.17
C PRO A 217 18.05 -1.93 -4.51
N ASP A 218 18.59 -3.13 -4.64
CA ASP A 218 17.82 -4.32 -4.98
C ASP A 218 17.56 -5.21 -3.76
N GLY A 219 17.26 -4.60 -2.61
CA GLY A 219 16.95 -5.33 -1.41
C GLY A 219 17.92 -6.43 -1.05
N PRO A 220 17.51 -7.36 -0.17
CA PRO A 220 16.18 -7.32 0.48
C PRO A 220 16.12 -6.23 1.56
N ASP A 221 15.02 -5.49 1.57
N ASP A 221 15.02 -5.49 1.57
CA ASP A 221 14.78 -4.52 2.63
CA ASP A 221 14.78 -4.52 2.63
C ASP A 221 14.20 -5.24 3.86
C ASP A 221 14.21 -5.23 3.86
N ALA A 222 13.92 -4.44 4.91
CA ALA A 222 13.42 -5.03 6.13
C ALA A 222 12.00 -5.56 5.93
N VAL A 223 11.17 -4.89 5.13
CA VAL A 223 9.83 -5.40 4.86
C VAL A 223 9.91 -6.84 4.36
N GLU A 224 10.76 -7.06 3.36
CA GLU A 224 10.90 -8.40 2.78
C GLU A 224 11.41 -9.39 3.79
N ARG A 225 12.42 -9.02 4.56
CA ARG A 225 12.98 -9.96 5.52
C ARG A 225 11.96 -10.30 6.61
N ILE A 226 11.22 -9.30 7.09
CA ILE A 226 10.21 -9.54 8.10
C ILE A 226 9.12 -10.46 7.54
N ALA A 227 8.62 -10.15 6.35
CA ALA A 227 7.50 -10.89 5.80
C ALA A 227 7.89 -12.33 5.50
N ARG A 228 9.09 -12.56 4.97
CA ARG A 228 9.52 -13.94 4.73
C ARG A 228 9.55 -14.73 6.03
N ASP A 229 10.15 -14.15 7.08
N ASP A 229 10.10 -14.14 7.10
CA ASP A 229 10.19 -14.81 8.37
CA ASP A 229 10.20 -14.81 8.39
C ASP A 229 8.78 -15.10 8.86
C ASP A 229 8.81 -15.05 9.00
N TYR A 230 7.91 -14.08 8.79
CA TYR A 230 6.55 -14.23 9.31
C TYR A 230 5.83 -15.37 8.60
N LEU A 231 5.94 -15.42 7.28
CA LEU A 231 5.24 -16.43 6.52
C LEU A 231 5.80 -17.82 6.77
N ALA A 232 7.05 -17.92 7.19
CA ALA A 232 7.61 -19.21 7.54
C ALA A 232 7.16 -19.68 8.91
N ARG A 233 6.57 -18.79 9.72
CA ARG A 233 6.31 -19.04 11.12
C ARG A 233 4.85 -18.97 11.52
N THR A 234 3.93 -18.75 10.58
CA THR A 234 2.55 -18.40 10.89
C THR A 234 1.61 -19.13 9.97
N ARG A 235 0.50 -19.58 10.53
CA ARG A 235 -0.59 -20.09 9.73
C ARG A 235 -1.30 -18.93 9.05
N VAL A 236 -1.35 -19.00 7.72
CA VAL A 236 -1.93 -17.96 6.87
C VAL A 236 -2.68 -18.68 5.75
N ALA A 237 -3.94 -18.32 5.53
CA ALA A 237 -4.69 -18.94 4.45
C ALA A 237 -4.01 -18.68 3.12
N GLN A 238 -3.84 -19.76 2.34
CA GLN A 238 -3.20 -19.72 1.04
C GLN A 238 -4.13 -20.40 0.05
N GLY A 239 -4.12 -19.91 -1.17
CA GLY A 239 -4.94 -20.47 -2.21
C GLY A 239 -4.90 -19.63 -3.45
N PRO A 240 -5.53 -20.09 -4.54
CA PRO A 240 -5.44 -19.38 -5.81
C PRO A 240 -6.43 -18.22 -5.88
N VAL A 241 -6.03 -17.15 -6.53
CA VAL A 241 -6.95 -16.13 -7.06
C VAL A 241 -6.55 -15.96 -8.51
N GLY A 242 -7.47 -16.28 -9.42
CA GLY A 242 -7.06 -16.54 -10.79
C GLY A 242 -6.00 -17.61 -10.78
N GLY A 243 -4.94 -17.37 -11.53
CA GLY A 243 -3.80 -18.27 -11.53
C GLY A 243 -2.74 -18.01 -10.49
N ALA A 244 -2.97 -17.06 -9.58
CA ALA A 244 -1.93 -16.57 -8.67
C ALA A 244 -2.02 -17.23 -7.30
N GLN A 245 -0.89 -17.69 -6.79
CA GLN A 245 -0.82 -18.09 -5.40
C GLN A 245 -1.03 -16.86 -4.53
N SER A 246 -1.98 -16.95 -3.61
CA SER A 246 -2.41 -15.80 -2.82
C SER A 246 -2.46 -16.15 -1.35
N ARG A 247 -2.39 -15.11 -0.53
CA ARG A 247 -2.38 -15.23 0.91
C ARG A 247 -3.22 -14.12 1.50
N LEU A 248 -3.84 -14.39 2.64
CA LEU A 248 -4.67 -13.40 3.34
C LEU A 248 -4.11 -13.27 4.76
N ILE A 249 -3.53 -12.12 5.05
CA ILE A 249 -2.70 -11.90 6.22
C ILE A 249 -3.39 -10.94 7.18
N ASP A 250 -3.40 -11.26 8.48
N ASP A 250 -3.33 -11.23 8.48
CA ASP A 250 -3.87 -10.32 9.47
CA ASP A 250 -3.81 -10.33 9.53
C ASP A 250 -2.84 -9.18 9.61
C ASP A 250 -2.83 -9.17 9.67
N ALA A 251 -3.27 -7.96 9.30
CA ALA A 251 -2.32 -6.85 9.20
C ALA A 251 -1.76 -6.48 10.57
N ALA A 252 -2.63 -6.37 11.58
CA ALA A 252 -2.14 -6.04 12.90
C ALA A 252 -1.12 -7.06 13.38
N ASP A 253 -1.37 -8.33 13.09
CA ASP A 253 -0.46 -9.38 13.55
C ASP A 253 0.91 -9.29 12.88
N ILE A 254 0.96 -9.09 11.55
CA ILE A 254 2.26 -9.02 10.89
C ILE A 254 3.01 -7.76 11.30
N VAL A 255 2.31 -6.65 11.52
CA VAL A 255 2.98 -5.43 11.96
C VAL A 255 3.51 -5.58 13.37
N SER A 256 2.74 -6.16 14.28
N SER A 256 2.75 -6.18 14.27
CA SER A 256 3.29 -6.41 15.62
CA SER A 256 3.26 -6.42 15.61
C SER A 256 4.52 -7.30 15.54
C SER A 256 4.47 -7.33 15.60
N PHE A 257 4.45 -8.36 14.73
CA PHE A 257 5.58 -9.24 14.55
C PHE A 257 6.77 -8.46 14.04
N GLY A 258 6.54 -7.53 13.11
CA GLY A 258 7.64 -6.78 12.54
C GLY A 258 8.29 -5.79 13.50
N ILE A 259 7.49 -5.17 14.35
CA ILE A 259 8.05 -4.32 15.41
C ILE A 259 8.95 -5.16 16.31
N GLU A 260 8.44 -6.29 16.77
CA GLU A 260 9.24 -7.18 17.61
C GLU A 260 10.50 -7.65 16.88
N TRP A 261 10.39 -7.95 15.60
CA TRP A 261 11.51 -8.48 14.82
C TRP A 261 12.63 -7.45 14.77
N LEU A 262 12.29 -6.21 14.43
CA LEU A 262 13.27 -5.14 14.38
C LEU A 262 13.87 -4.87 15.74
N GLU A 263 13.05 -4.80 16.79
CA GLU A 263 13.56 -4.44 18.11
C GLU A 263 14.40 -5.55 18.74
N ALA A 264 14.17 -6.80 18.33
CA ALA A 264 15.01 -7.89 18.79
C ALA A 264 16.38 -7.86 18.14
N ARG A 265 16.50 -7.26 16.95
CA ARG A 265 17.73 -7.33 16.19
C ARG A 265 18.59 -6.08 16.28
N HIS A 266 18.03 -4.96 16.72
CA HIS A 266 18.72 -3.68 16.64
C HIS A 266 18.62 -2.95 17.97
N ALA A 267 19.77 -2.54 18.50
CA ALA A 267 19.79 -1.89 19.81
C ALA A 267 18.91 -0.65 19.79
N ALA A 268 18.35 -0.32 20.95
CA ALA A 268 17.51 0.86 21.12
C ALA A 268 18.31 2.15 21.02
C11 LLL B . 10.51 -1.02 -3.72
C11 LLL B . 10.53 -1.01 -3.75
O11 LLL B . 9.47 -0.79 -2.76
O11 LLL B . 9.49 -0.78 -2.77
C21 LLL B . 10.21 -2.35 -4.44
C21 LLL B . 10.15 -2.29 -4.50
N21 LLL B . 9.72 -3.35 -3.51
N21 LLL B . 8.76 -2.17 -4.92
C31 LLL B . 11.50 -2.91 -4.99
C31 LLL B . 10.20 -3.45 -3.57
C41 LLL B . 12.34 -3.35 -3.78
C41 LLL B . 11.61 -3.58 -3.04
C51 LLL B . 12.11 -2.38 -2.62
C51 LLL B . 11.98 -2.26 -2.35
O51 LLL B . 11.80 -1.09 -3.12
O51 LLL B . 11.84 -1.19 -3.24
C61 LLL B . 13.42 -2.33 -1.82
C61 LLL B . 13.43 -2.30 -1.90
N61 LLL B . 13.68 -0.99 -1.27
N61 LLL B . 13.72 -1.01 -1.27
C12 LLL B . 7.80 2.87 -1.49
C12 LLL B . 7.80 2.87 -1.49
N12 LLL B . 7.51 4.14 -0.84
N12 LLL B . 7.51 4.14 -0.84
C22 LLL B . 7.99 1.76 -0.46
C22 LLL B . 7.97 1.75 -0.46
C32 LLL B . 8.21 0.45 -1.22
C32 LLL B . 8.20 0.46 -1.22
N32 LLL B . 8.35 -0.65 -0.26
N32 LLL B . 8.35 -0.64 -0.27
C42 LLL B . 9.46 0.48 -2.09
C42 LLL B . 9.46 0.49 -2.10
C52 LLL B . 9.38 1.67 -3.05
C52 LLL B . 9.38 1.69 -3.05
O52 LLL B . 10.63 1.81 -3.72
O52 LLL B . 10.61 1.81 -3.71
C62 LLL B . 9.08 2.99 -2.32
C62 LLL B . 9.08 2.99 -2.32
O62 LLL B . 8.87 3.99 -3.31
O62 LLL B . 8.87 3.99 -3.28
C13 LLL B . 9.63 5.19 -3.17
C13 LLL B . 9.63 5.20 -3.16
C23 LLL B . 8.76 6.32 -3.73
C23 LLL B . 8.76 6.32 -3.73
O23 LLL B . 7.52 6.31 -3.04
O23 LLL B . 7.52 6.31 -3.05
C33 LLL B . 8.47 6.07 -5.22
C33 LLL B . 8.47 6.07 -5.22
N33 LLL B . 7.74 7.23 -5.79
N33 LLL B . 7.73 7.23 -5.78
C43 LLL B . 9.81 5.88 -5.96
C43 LLL B . 9.82 5.89 -5.96
O43 LLL B . 10.47 7.14 -5.96
O43 LLL B . 10.46 7.14 -5.96
C53 LLL B . 10.66 4.82 -5.25
C53 LLL B . 10.68 4.83 -5.25
O53 LLL B . 10.87 5.13 -3.88
O53 LLL B . 10.87 5.13 -3.89
C83 LLL B . 9.56 5.41 -7.39
C83 LLL B . 9.57 5.40 -7.39
C93 LLL B . 6.50 6.76 -6.46
C93 LLL B . 6.49 6.77 -6.46
H11 LLL B . 10.50 -0.30 -4.38
H11 LLL B . 10.54 -0.27 -4.39
H21 LLL B . 9.58 -2.20 -5.15
H21 LLL B . 10.74 -2.44 -5.26
H211 LLL B . 9.52 -4.06 -3.98
H211 LLL B . 8.77 -2.03 -5.80
H212 LLL B . 8.95 -3.03 -3.18
H212 LLL B . 8.46 -1.41 -4.55
H311 LLL B . 11.32 -3.66 -5.57
H311 LLL B . 9.96 -4.26 -4.06
H312 LLL B . 11.98 -2.22 -5.49
H312 LLL B . 9.58 -3.30 -2.84
H411 LLL B . 12.07 -4.25 -3.51
H411 LLL B . 12.23 -3.75 -3.77
H412 LLL B . 13.28 -3.36 -4.02
H412 LLL B . 11.66 -4.30 -2.39
H51 LLL B . 11.40 -2.70 -2.04
H51 LLL B . 11.41 -2.13 -1.59
H611 LLL B . 13.37 -2.98 -1.09
H611 LLL B . 13.55 -3.01 -1.26
H612 LLL B . 14.16 -2.58 -2.42
H612 LLL B . 14.01 -2.43 -2.65
H11A LLL B . 12.89 -0.61 -1.15
H11A LLL B . 12.97 -0.72 -0.90
H12A LLL B . 14.11 -0.54 -1.91
H12A LLL B . 13.93 -0.44 -1.92
H12 LLL B . 7.07 2.63 -2.08
H12 LLL B . 7.07 2.64 -2.07
H121 LLL B . 7.52 3.98 0.04
H121 LLL B . 7.47 3.99 0.04
H122 LLL B . 8.19 4.68 -1.00
H122 LLL B . 8.21 4.67 -0.98
H221 LLL B . 8.78 1.95 0.09
H221 LLL B . 8.75 1.94 0.11
H222 LLL B . 7.21 1.69 0.11
H222 LLL B . 7.18 1.68 0.08
H32 LLL B . 7.43 0.29 -1.78
H32 LLL B . 7.43 0.29 -1.78
H321 LLL B . 7.54 -1.00 -0.15
H321 LLL B . 7.53 -0.93 -0.08
H322 LLL B . 8.85 -1.27 -0.64
H322 LLL B . 8.77 -1.30 -0.70
H42 LLL B . 10.24 0.56 -1.53
H42 LLL B . 10.24 0.58 -1.53
H52 LLL B . 8.68 1.52 -3.71
H52 LLL B . 8.68 1.53 -3.70
H3 LLL B . 10.45 1.93 -4.54
H3 LLL B . 10.45 1.75 -4.55
H62 LLL B . 9.84 3.24 -1.75
H62 LLL B . 9.83 3.23 -1.75
H13 LLL B . 9.80 5.36 -2.23
H13 LLL B . 9.82 5.38 -2.23
H23 LLL B . 9.21 7.17 -3.62
H23 LLL B . 9.20 7.18 -3.61
H2 LLL B . 7.69 6.50 -2.24
H2 LLL B . 7.70 6.48 -2.24
H1 LLL B . 7.93 5.27 -5.32
H1 LLL B . 7.94 5.27 -5.32
H33 LLL B . 8.26 7.57 -6.42
H33 LLL B . 8.25 7.58 -6.42
H43 LLL B . 11.20 7.04 -5.54
H43 LLL B . 11.19 7.05 -5.52
H531 LLL B . 11.52 4.76 -5.69
H531 LLL B . 11.54 4.78 -5.69
H532 LLL B . 10.22 3.97 -5.32
H532 LLL B . 10.23 3.97 -5.32
H831 LLL B . 9.02 4.60 -7.39
H831 LLL B . 9.02 4.60 -7.39
H832 LLL B . 9.09 6.11 -7.88
H832 LLL B . 9.12 6.10 -7.89
H833 LLL B . 10.41 5.24 -7.83
H833 LLL B . 10.42 5.21 -7.82
H931 LLL B . 6.03 7.52 -6.83
H931 LLL B . 6.04 7.53 -6.85
H932 LLL B . 6.74 6.14 -7.15
H932 LLL B . 6.72 6.14 -7.17
H933 LLL B . 5.94 6.31 -5.80
H933 LLL B . 5.91 6.34 -5.82
MG MG C . -18.08 -0.54 8.58
#